data_3RR4
#
_entry.id   3RR4
#
_cell.length_a   90.671
_cell.length_b   64.754
_cell.length_c   70.457
_cell.angle_alpha   90.00
_cell.angle_beta   95.99
_cell.angle_gamma   90.00
#
_symmetry.space_group_name_H-M   'C 1 2 1'
#
loop_
_entity.id
_entity.type
_entity.pdbx_description
1 polymer 'Queuine tRNA-ribosyltransferase'
2 non-polymer 'ZINC ION'
3 non-polymer 2,6-bis(methylamino)-1,7-dihydro-8H-imidazo[4,5-g]quinazolin-8-one
4 non-polymer GLYCEROL
5 water water
#
_entity_poly.entity_id   1
_entity_poly.type   'polypeptide(L)'
_entity_poly.pdbx_seq_one_letter_code
;MVEATAQETDRPRFSFSIAAREGKARTGTIEMKRGVIRTPAFMPVGTAATVKALKPETVRATGADIILGNTYHLMLRPGA
ERIAKLGGLHSFMGWDRPILTDSGGYQVMSLSSLTKQSEEGVTFKSHLDGSRHMLSPERSIEIQHLLGSDIVMAFDECTP
YPATPSRAASSMERSMRWAKRSRDAFDSRKEQAENAALFGIQQGSVFENLRQQSADALAEIGFDGYAVGGLAVGEGQDEM
FRVLDFSVPMLPDDKPHYLMGVGKPDDIVGAVERGIDMFDCVLPTRSGRNGQAFTWDGPINIRNARFSEDLKPLDSECHC
AVCQKWSRAYIHHLIRAGEILGAMLMTEHNIAFYQQLMQKIRDSISEGRFSQFAQDFRARYFARNS
;
_entity_poly.pdbx_strand_id   A
#
loop_
_chem_comp.id
_chem_comp.type
_chem_comp.name
_chem_comp.formula
GOL non-polymer GLYCEROL 'C3 H8 O3'
HRD non-polymer 2,6-bis(methylamino)-1,7-dihydro-8H-imidazo[4,5-g]quinazolin-8-one 'C11 H12 N6 O'
ZN non-polymer 'ZINC ION' 'Zn 2'
#
# COMPACT_ATOMS: atom_id res chain seq x y z
N ARG A 11 -19.92 -10.84 -7.59
CA ARG A 11 -18.87 -11.34 -6.71
C ARG A 11 -19.32 -11.25 -5.25
N PRO A 12 -18.64 -11.94 -4.34
CA PRO A 12 -18.88 -11.80 -2.91
C PRO A 12 -18.35 -10.48 -2.39
N ARG A 13 -18.81 -10.11 -1.20
CA ARG A 13 -18.19 -9.01 -0.49
C ARG A 13 -16.69 -9.17 -0.39
N PHE A 14 -16.22 -10.34 0.00
CA PHE A 14 -14.81 -10.62 0.19
C PHE A 14 -14.54 -12.13 0.22
N SER A 15 -13.65 -12.54 -0.65
CA SER A 15 -13.17 -13.92 -0.70
C SER A 15 -11.70 -13.93 -1.08
N PHE A 16 -10.87 -14.42 -0.19
CA PHE A 16 -9.46 -14.59 -0.53
C PHE A 16 -9.17 -16.07 -0.75
N SER A 17 -8.64 -16.36 -1.92
N SER A 17 -8.65 -16.40 -1.92
N SER A 17 -8.64 -16.39 -1.91
CA SER A 17 -8.25 -17.70 -2.30
CA SER A 17 -8.28 -17.79 -2.16
CA SER A 17 -8.29 -17.77 -2.22
C SER A 17 -6.75 -17.76 -2.60
C SER A 17 -6.84 -17.86 -2.65
C SER A 17 -6.85 -17.87 -2.67
N ILE A 18 -6.11 -18.77 -2.04
CA ILE A 18 -4.71 -19.02 -2.37
C ILE A 18 -4.63 -20.11 -3.42
N ALA A 19 -4.05 -19.81 -4.57
CA ALA A 19 -3.95 -20.78 -5.66
C ALA A 19 -2.66 -21.59 -5.64
N ALA A 20 -1.61 -21.03 -5.05
CA ALA A 20 -0.30 -21.63 -5.13
C ALA A 20 0.59 -21.06 -4.03
N ARG A 21 1.49 -21.90 -3.55
N ARG A 21 1.51 -21.88 -3.55
CA ARG A 21 2.44 -21.58 -2.50
CA ARG A 21 2.42 -21.61 -2.46
C ARG A 21 3.85 -21.98 -2.88
C ARG A 21 3.84 -22.08 -2.76
N GLU A 22 4.81 -21.33 -2.26
CA GLU A 22 6.21 -21.66 -2.32
C GLU A 22 6.85 -21.14 -1.02
N GLY A 23 7.14 -22.09 -0.11
CA GLY A 23 7.66 -21.56 1.14
C GLY A 23 6.55 -20.76 1.82
N LYS A 24 6.91 -19.60 2.32
CA LYS A 24 5.96 -18.70 2.93
C LYS A 24 5.21 -17.85 1.89
N ALA A 25 5.66 -17.86 0.63
CA ALA A 25 5.03 -17.02 -0.38
C ALA A 25 3.72 -17.66 -0.85
N ARG A 26 2.76 -16.79 -1.16
CA ARG A 26 1.50 -17.23 -1.70
C ARG A 26 1.07 -16.35 -2.88
N THR A 27 0.28 -16.97 -3.77
CA THR A 27 -0.30 -16.20 -4.85
C THR A 27 -1.75 -16.63 -4.94
N GLY A 28 -2.64 -15.68 -5.24
CA GLY A 28 -4.05 -15.99 -5.25
C GLY A 28 -4.86 -14.79 -5.67
N THR A 29 -6.09 -14.75 -5.17
CA THR A 29 -6.98 -13.67 -5.57
C THR A 29 -7.85 -13.26 -4.39
N ILE A 30 -8.16 -11.96 -4.38
CA ILE A 30 -9.20 -11.40 -3.51
C ILE A 30 -10.33 -11.03 -4.45
N GLU A 31 -11.49 -11.64 -4.23
CA GLU A 31 -12.66 -11.23 -4.98
C GLU A 31 -13.51 -10.33 -4.10
N MET A 32 -13.89 -9.20 -4.67
CA MET A 32 -14.74 -8.23 -4.03
C MET A 32 -15.79 -7.75 -5.03
N LYS A 33 -16.79 -7.03 -4.52
CA LYS A 33 -17.87 -6.62 -5.42
C LYS A 33 -17.35 -5.81 -6.58
N ARG A 34 -16.38 -4.91 -6.36
N ARG A 34 -16.38 -4.93 -6.34
CA ARG A 34 -15.99 -4.06 -7.48
CA ARG A 34 -15.94 -4.04 -7.42
C ARG A 34 -14.90 -4.64 -8.34
C ARG A 34 -14.89 -4.64 -8.33
N GLY A 35 -14.43 -5.85 -8.04
CA GLY A 35 -13.44 -6.51 -8.86
C GLY A 35 -12.57 -7.51 -8.09
N VAL A 36 -11.67 -8.12 -8.85
CA VAL A 36 -10.73 -9.14 -8.42
C VAL A 36 -9.35 -8.49 -8.29
N ILE A 37 -8.68 -8.85 -7.21
CA ILE A 37 -7.35 -8.40 -6.89
C ILE A 37 -6.41 -9.61 -6.87
N ARG A 38 -5.45 -9.57 -7.77
CA ARG A 38 -4.41 -10.56 -7.91
C ARG A 38 -3.35 -10.34 -6.84
N THR A 39 -3.02 -11.43 -6.13
CA THR A 39 -2.06 -11.28 -5.06
C THR A 39 -0.83 -12.14 -5.32
N PRO A 40 0.36 -11.71 -4.94
CA PRO A 40 0.70 -10.43 -4.32
C PRO A 40 0.43 -9.22 -5.22
N ALA A 41 -0.18 -8.20 -4.62
CA ALA A 41 -0.65 -7.00 -5.27
C ALA A 41 0.16 -5.77 -4.82
N PHE A 42 0.36 -4.87 -5.78
CA PHE A 42 0.87 -3.55 -5.50
C PHE A 42 -0.23 -2.53 -5.75
N MET A 43 -0.48 -1.69 -4.76
CA MET A 43 -1.52 -0.68 -4.84
C MET A 43 -0.89 0.69 -5.12
N PRO A 44 -1.09 1.25 -6.30
CA PRO A 44 -0.65 2.64 -6.52
C PRO A 44 -1.39 3.53 -5.52
N VAL A 45 -0.73 4.58 -5.06
CA VAL A 45 -1.31 5.48 -4.09
C VAL A 45 -1.99 6.68 -4.76
N GLY A 46 -3.23 6.90 -4.40
CA GLY A 46 -4.08 8.03 -4.73
C GLY A 46 -4.13 8.87 -3.45
N THR A 47 -3.31 9.90 -3.47
CA THR A 47 -3.29 10.73 -2.26
C THR A 47 -4.64 11.40 -2.08
N ALA A 48 -4.91 12.49 -2.78
CA ALA A 48 -6.06 13.33 -2.74
C ALA A 48 -6.98 13.08 -3.93
N ALA A 49 -7.44 11.83 -4.06
CA ALA A 49 -8.38 11.39 -5.06
C ALA A 49 -7.79 11.45 -6.47
N THR A 50 -6.49 11.27 -6.57
CA THR A 50 -5.82 11.09 -7.85
C THR A 50 -4.52 10.34 -7.62
N VAL A 51 -4.24 9.36 -8.48
CA VAL A 51 -2.90 8.78 -8.56
C VAL A 51 -2.10 9.81 -9.36
N LYS A 52 -1.15 10.49 -8.73
CA LYS A 52 -0.59 11.73 -9.28
C LYS A 52 -0.11 11.53 -10.70
N ALA A 53 -0.58 12.39 -11.60
CA ALA A 53 -0.20 12.52 -12.98
C ALA A 53 -0.74 11.43 -13.88
N LEU A 54 -1.67 10.63 -13.41
CA LEU A 54 -2.26 9.56 -14.22
C LEU A 54 -3.80 9.61 -14.21
N LYS A 55 -4.37 9.52 -15.40
CA LYS A 55 -5.79 9.17 -15.46
C LYS A 55 -5.98 7.75 -14.93
N PRO A 56 -7.13 7.50 -14.30
CA PRO A 56 -7.44 6.16 -13.81
C PRO A 56 -7.37 5.09 -14.91
N GLU A 57 -7.70 5.39 -16.16
CA GLU A 57 -7.60 4.37 -17.20
C GLU A 57 -6.13 3.97 -17.40
N THR A 58 -5.24 4.95 -17.19
CA THR A 58 -3.81 4.69 -17.35
C THR A 58 -3.31 3.84 -16.19
N VAL A 59 -3.77 4.19 -15.00
CA VAL A 59 -3.49 3.31 -13.85
C VAL A 59 -3.95 1.88 -14.11
N ARG A 60 -5.16 1.71 -14.64
CA ARG A 60 -5.66 0.38 -14.93
C ARG A 60 -4.82 -0.28 -16.00
N ALA A 61 -4.39 0.49 -17.00
CA ALA A 61 -3.63 -0.07 -18.11
C ALA A 61 -2.28 -0.64 -17.70
N THR A 62 -1.73 -0.07 -16.63
CA THR A 62 -0.48 -0.59 -16.10
C THR A 62 -0.66 -1.94 -15.43
N GLY A 63 -1.87 -2.36 -15.11
CA GLY A 63 -2.14 -3.65 -14.51
C GLY A 63 -2.65 -3.55 -13.09
N ALA A 64 -2.75 -2.32 -12.56
CA ALA A 64 -3.29 -2.22 -11.20
C ALA A 64 -4.73 -2.70 -11.08
N ASP A 65 -4.99 -3.45 -10.01
CA ASP A 65 -6.31 -3.98 -9.70
C ASP A 65 -7.04 -3.20 -8.60
N ILE A 66 -6.25 -2.45 -7.84
CA ILE A 66 -6.75 -1.71 -6.68
C ILE A 66 -5.77 -0.58 -6.39
N ILE A 67 -6.32 0.51 -5.90
CA ILE A 67 -5.54 1.67 -5.50
C ILE A 67 -5.82 1.99 -4.05
N LEU A 68 -4.92 2.77 -3.49
CA LEU A 68 -5.12 3.20 -2.11
C LEU A 68 -5.54 4.65 -2.08
N GLY A 69 -6.47 4.99 -1.18
CA GLY A 69 -6.77 6.40 -0.99
C GLY A 69 -6.29 6.85 0.39
N ASN A 70 -5.67 8.01 0.57
CA ASN A 70 -5.32 8.56 1.87
C ASN A 70 -6.43 9.31 2.61
N THR A 71 -6.95 8.76 3.70
CA THR A 71 -8.01 9.35 4.50
C THR A 71 -7.69 10.76 5.02
N TYR A 72 -6.46 10.96 5.47
CA TYR A 72 -6.08 12.26 6.03
C TYR A 72 -6.28 13.41 5.06
N HIS A 73 -5.76 13.21 3.86
CA HIS A 73 -5.82 14.26 2.84
C HIS A 73 -7.28 14.49 2.42
N LEU A 74 -7.98 13.38 2.15
CA LEU A 74 -9.36 13.50 1.68
C LEU A 74 -10.26 14.18 2.68
N MET A 75 -10.03 13.90 3.96
CA MET A 75 -10.96 14.43 4.95
C MET A 75 -10.76 15.93 5.07
N LEU A 76 -9.60 16.41 4.68
CA LEU A 76 -9.24 17.83 4.70
C LEU A 76 -9.64 18.49 3.39
N ARG A 77 -9.34 17.85 2.26
CA ARG A 77 -9.69 18.46 0.97
C ARG A 77 -9.90 17.32 -0.01
N PRO A 78 -11.08 17.16 -0.61
CA PRO A 78 -12.22 18.06 -0.57
C PRO A 78 -13.18 17.86 0.58
N GLY A 79 -12.96 16.86 1.43
CA GLY A 79 -13.88 16.55 2.51
C GLY A 79 -14.64 15.25 2.33
N ALA A 80 -14.76 14.45 3.40
CA ALA A 80 -15.42 13.17 3.21
C ALA A 80 -16.91 13.33 2.92
N GLU A 81 -17.53 14.22 3.68
CA GLU A 81 -18.97 14.41 3.53
C GLU A 81 -19.28 14.95 2.14
N ARG A 82 -18.45 15.86 1.65
CA ARG A 82 -18.62 16.39 0.30
C ARG A 82 -18.48 15.27 -0.74
N ILE A 83 -17.44 14.45 -0.61
CA ILE A 83 -17.29 13.36 -1.57
C ILE A 83 -18.51 12.44 -1.53
N ALA A 84 -19.04 12.22 -0.34
CA ALA A 84 -20.23 11.37 -0.19
C ALA A 84 -21.41 12.00 -0.94
N LYS A 85 -21.57 13.30 -0.76
CA LYS A 85 -22.66 14.02 -1.42
C LYS A 85 -22.54 13.88 -2.93
N LEU A 86 -21.31 13.87 -3.44
CA LEU A 86 -21.06 13.80 -4.87
C LEU A 86 -21.08 12.39 -5.44
N GLY A 87 -21.28 11.39 -4.58
CA GLY A 87 -21.45 10.05 -5.08
C GLY A 87 -20.40 9.04 -4.66
N GLY A 88 -19.42 9.46 -3.87
CA GLY A 88 -18.42 8.52 -3.40
C GLY A 88 -17.11 8.70 -4.15
N LEU A 89 -15.99 8.21 -3.61
CA LEU A 89 -14.69 8.44 -4.22
C LEU A 89 -14.57 7.83 -5.61
N HIS A 90 -15.20 6.67 -5.78
CA HIS A 90 -15.05 5.95 -7.04
C HIS A 90 -15.59 6.82 -8.19
N SER A 91 -16.80 7.31 -7.95
CA SER A 91 -17.46 8.17 -8.94
C SER A 91 -16.71 9.47 -9.17
N PHE A 92 -16.34 10.08 -8.05
CA PHE A 92 -15.62 11.34 -8.05
C PHE A 92 -14.36 11.26 -8.90
N MET A 93 -13.49 10.28 -8.62
CA MET A 93 -12.21 10.26 -9.34
C MET A 93 -12.19 9.41 -10.59
N GLY A 94 -13.24 8.64 -10.82
CA GLY A 94 -13.33 7.83 -12.01
C GLY A 94 -12.58 6.52 -12.00
N TRP A 95 -12.50 5.90 -10.84
CA TRP A 95 -11.93 4.58 -10.61
C TRP A 95 -13.05 3.68 -10.08
N ASP A 96 -13.43 2.69 -10.88
CA ASP A 96 -14.57 1.88 -10.52
C ASP A 96 -14.21 0.56 -9.86
N ARG A 97 -12.94 0.30 -9.69
CA ARG A 97 -12.44 -0.93 -9.09
C ARG A 97 -12.21 -0.79 -7.59
N PRO A 98 -11.76 -1.80 -6.85
CA PRO A 98 -11.56 -1.62 -5.40
C PRO A 98 -10.61 -0.49 -5.06
N ILE A 99 -10.92 0.10 -3.92
CA ILE A 99 -10.13 1.12 -3.27
C ILE A 99 -9.97 0.71 -1.80
N LEU A 100 -8.70 0.72 -1.38
CA LEU A 100 -8.35 0.52 0.02
C LEU A 100 -8.09 1.92 0.58
N THR A 101 -8.72 2.26 1.69
CA THR A 101 -8.41 3.51 2.36
C THR A 101 -7.61 3.29 3.64
N ASP A 102 -6.56 4.09 3.83
CA ASP A 102 -5.84 4.01 5.10
C ASP A 102 -6.72 4.66 6.17
N SER A 103 -6.34 4.51 7.42
CA SER A 103 -7.23 4.94 8.50
C SER A 103 -6.91 6.35 9.00
N GLY A 104 -5.84 6.93 8.49
CA GLY A 104 -5.52 8.32 8.67
C GLY A 104 -4.53 8.66 9.75
N GLY A 105 -4.28 7.83 10.75
CA GLY A 105 -3.45 8.27 11.88
C GLY A 105 -2.01 8.53 11.56
N TYR A 106 -1.46 7.68 10.71
CA TYR A 106 -0.04 7.75 10.31
C TYR A 106 0.25 9.12 9.70
N GLN A 107 -0.60 9.54 8.76
CA GLN A 107 -0.39 10.84 8.13
C GLN A 107 -0.69 11.99 9.10
N VAL A 108 -1.69 11.85 9.97
CA VAL A 108 -1.90 12.88 11.00
C VAL A 108 -0.58 13.08 11.74
N MET A 109 -0.05 11.96 12.24
CA MET A 109 1.13 12.17 13.09
C MET A 109 2.31 12.65 12.26
N SER A 110 2.37 12.36 10.96
CA SER A 110 3.61 12.80 10.29
C SER A 110 3.43 14.12 9.57
N LEU A 111 2.20 14.50 9.24
CA LEU A 111 1.95 15.65 8.38
C LEU A 111 1.23 16.82 9.02
N SER A 112 0.52 16.63 10.12
CA SER A 112 -0.25 17.75 10.67
C SER A 112 0.56 18.45 11.76
N LEU A 114 0.16 20.23 14.30
CA LEU A 114 -0.04 20.12 15.75
C LEU A 114 -1.08 19.04 16.02
N THR A 115 -0.92 18.25 17.08
CA THR A 115 -1.73 17.10 17.42
C THR A 115 -1.83 16.87 18.94
N LYS A 116 -2.92 16.26 19.36
CA LYS A 116 -3.21 15.91 20.74
C LYS A 116 -3.80 14.50 20.75
N GLN A 117 -3.03 13.60 21.31
CA GLN A 117 -3.36 12.19 21.35
C GLN A 117 -4.00 11.85 22.70
N SER A 118 -4.99 10.99 22.66
CA SER A 118 -5.74 10.50 23.81
C SER A 118 -6.28 9.10 23.52
N GLU A 119 -6.81 8.47 24.55
CA GLU A 119 -7.44 7.17 24.34
C GLU A 119 -8.62 7.27 23.37
N GLU A 120 -9.25 8.43 23.26
CA GLU A 120 -10.35 8.64 22.34
C GLU A 120 -9.93 8.68 20.88
N GLY A 121 -8.73 9.19 20.61
CA GLY A 121 -8.25 9.34 19.26
C GLY A 121 -7.28 10.49 19.20
N VAL A 122 -7.32 11.27 18.12
CA VAL A 122 -6.36 12.35 17.95
C VAL A 122 -7.06 13.57 17.36
N THR A 123 -6.73 14.70 17.97
CA THR A 123 -7.19 15.97 17.40
C THR A 123 -5.96 16.65 16.82
N PHE A 124 -6.18 17.35 15.71
CA PHE A 124 -5.02 17.91 15.02
C PHE A 124 -5.45 19.12 14.21
N LYS A 125 -4.44 19.87 13.77
CA LYS A 125 -4.63 21.06 12.96
C LYS A 125 -4.12 20.82 11.53
N SER A 126 -4.98 21.14 10.58
CA SER A 126 -4.66 20.91 9.17
C SER A 126 -3.45 21.73 8.73
N HIS A 127 -2.61 21.07 7.93
CA HIS A 127 -1.38 21.70 7.45
C HIS A 127 -1.60 22.33 6.08
N SER A 131 -9.89 24.08 10.21
CA SER A 131 -8.50 23.86 10.60
C SER A 131 -8.32 22.89 11.76
N ARG A 132 -9.25 22.82 12.70
CA ARG A 132 -9.19 21.85 13.77
C ARG A 132 -9.96 20.58 13.39
N HIS A 133 -9.31 19.43 13.53
CA HIS A 133 -9.92 18.18 13.12
C HIS A 133 -9.68 17.07 14.16
N MET A 134 -10.52 16.05 14.05
CA MET A 134 -10.53 14.91 14.94
C MET A 134 -10.52 13.61 14.14
N LEU A 135 -9.77 12.67 14.70
CA LEU A 135 -9.88 11.29 14.25
C LEU A 135 -9.91 10.36 15.47
N SER A 136 -10.71 9.33 15.32
CA SER A 136 -10.87 8.29 16.32
C SER A 136 -11.26 7.02 15.59
N PRO A 137 -11.27 5.88 16.26
CA PRO A 137 -11.75 4.65 15.58
C PRO A 137 -13.07 4.90 14.88
N GLU A 138 -14.03 5.49 15.58
CA GLU A 138 -15.37 5.68 15.00
C GLU A 138 -15.40 6.63 13.83
N ARG A 139 -14.81 7.80 13.86
CA ARG A 139 -14.75 8.80 12.82
C ARG A 139 -13.94 8.32 11.62
N SER A 140 -12.85 7.63 11.90
CA SER A 140 -12.04 7.06 10.84
C SER A 140 -12.88 6.11 9.99
N ILE A 141 -13.57 5.23 10.72
CA ILE A 141 -14.37 4.22 10.04
C ILE A 141 -15.50 4.94 9.31
N GLU A 142 -16.08 5.98 9.88
CA GLU A 142 -17.15 6.71 9.20
C GLU A 142 -16.65 7.46 7.98
N ILE A 143 -15.51 8.11 8.05
CA ILE A 143 -14.92 8.77 6.89
C ILE A 143 -14.66 7.77 5.78
N GLN A 144 -14.05 6.62 6.06
CA GLN A 144 -13.86 5.59 5.03
C GLN A 144 -15.19 5.14 4.43
N HIS A 145 -16.26 5.07 5.22
CA HIS A 145 -17.60 4.75 4.72
C HIS A 145 -18.11 5.82 3.75
N LEU A 146 -17.99 7.08 4.17
CA LEU A 146 -18.42 8.23 3.38
C LEU A 146 -17.69 8.27 2.04
N LEU A 147 -16.39 7.93 2.06
CA LEU A 147 -15.63 7.82 0.82
C LEU A 147 -16.05 6.64 -0.04
N GLY A 148 -16.66 5.63 0.55
CA GLY A 148 -17.13 4.42 -0.10
C GLY A 148 -16.03 3.43 -0.37
N SER A 149 -15.07 3.36 0.54
CA SER A 149 -13.94 2.45 0.49
C SER A 149 -14.36 0.98 0.44
N ASP A 150 -13.65 0.15 -0.33
CA ASP A 150 -13.89 -1.29 -0.40
C ASP A 150 -13.16 -2.03 0.71
N ILE A 151 -11.91 -1.64 0.95
CA ILE A 151 -11.14 -2.21 2.06
C ILE A 151 -10.83 -1.08 3.06
N VAL A 152 -11.42 -1.19 4.23
CA VAL A 152 -11.36 -0.27 5.35
C VAL A 152 -10.27 -0.75 6.29
N MET A 153 -9.39 0.16 6.69
CA MET A 153 -8.33 -0.13 7.64
C MET A 153 -8.79 0.34 9.03
N ALA A 154 -8.58 -0.53 10.01
CA ALA A 154 -8.76 -0.19 11.41
C ALA A 154 -7.90 1.03 11.75
N PHE A 155 -8.39 1.82 12.67
CA PHE A 155 -7.68 3.01 13.14
C PHE A 155 -6.64 2.59 14.18
N ASP A 156 -5.38 2.86 13.90
CA ASP A 156 -4.28 2.36 14.67
C ASP A 156 -3.32 3.51 15.02
N GLU A 157 -2.32 3.14 15.82
CA GLU A 157 -1.18 4.01 16.12
C GLU A 157 0.08 3.34 15.59
N CYS A 158 0.70 3.98 14.59
CA CYS A 158 1.99 3.49 14.11
C CYS A 158 3.09 3.92 15.08
N THR A 159 3.59 3.00 15.86
CA THR A 159 4.62 3.24 16.88
C THR A 159 5.89 3.76 16.22
N PRO A 160 6.37 4.91 16.66
CA PRO A 160 7.66 5.42 16.17
C PRO A 160 8.82 4.46 16.43
N TYR A 161 9.83 4.57 15.59
CA TYR A 161 11.03 3.76 15.69
C TYR A 161 12.23 4.67 15.93
N PRO A 162 13.11 4.33 16.87
CA PRO A 162 12.96 3.21 17.78
C PRO A 162 11.98 3.49 18.92
N ALA A 163 11.49 2.39 19.51
CA ALA A 163 10.65 2.43 20.69
C ALA A 163 11.16 1.49 21.77
N THR A 164 11.09 1.96 23.03
CA THR A 164 11.39 1.05 24.12
C THR A 164 10.28 0.02 24.24
N PRO A 165 10.54 -1.13 24.84
CA PRO A 165 9.51 -2.14 24.99
C PRO A 165 8.28 -1.63 25.73
N SER A 166 8.50 -0.78 26.75
CA SER A 166 7.34 -0.28 27.48
C SER A 166 6.37 0.53 26.63
N ARG A 167 6.85 1.48 25.85
CA ARG A 167 6.22 2.38 24.92
C ARG A 167 5.66 1.57 23.76
N ALA A 168 6.46 0.65 23.22
CA ALA A 168 5.89 -0.23 22.20
C ALA A 168 4.66 -0.97 22.72
N ALA A 169 4.72 -1.48 23.95
CA ALA A 169 3.60 -2.24 24.52
C ALA A 169 2.38 -1.35 24.76
N SER A 170 2.59 -0.19 25.40
CA SER A 170 1.50 0.75 25.63
C SER A 170 0.79 1.13 24.34
N SER A 171 1.56 1.39 23.29
CA SER A 171 1.06 1.84 22.01
C SER A 171 0.28 0.72 21.32
N MET A 172 0.87 -0.47 21.35
CA MET A 172 0.23 -1.65 20.78
C MET A 172 -1.08 -1.92 21.48
N GLU A 173 -1.09 -1.86 22.82
CA GLU A 173 -2.31 -2.13 23.56
C GLU A 173 -3.42 -1.16 23.20
N ARG A 174 -3.06 0.11 23.03
CA ARG A 174 -4.05 1.09 22.64
CA ARG A 174 -4.01 1.13 22.61
C ARG A 174 -4.57 0.72 21.26
N SER A 175 -3.61 0.36 20.37
CA SER A 175 -4.03 0.00 19.03
C SER A 175 -5.03 -1.14 19.01
N MET A 176 -4.81 -2.13 19.89
CA MET A 176 -5.71 -3.25 19.94
C MET A 176 -7.06 -2.83 20.51
N ARG A 177 -7.11 -1.93 21.47
CA ARG A 177 -8.39 -1.38 21.91
C ARG A 177 -9.11 -0.65 20.77
N TRP A 178 -8.35 0.12 20.01
CA TRP A 178 -8.90 0.83 18.86
C TRP A 178 -9.33 -0.15 17.77
N ALA A 179 -8.66 -1.30 17.70
CA ALA A 179 -9.02 -2.31 16.69
C ALA A 179 -10.42 -2.86 16.96
N LYS A 180 -10.70 -3.10 18.25
CA LYS A 180 -12.03 -3.55 18.66
C LYS A 180 -13.06 -2.48 18.38
N ARG A 181 -12.72 -1.24 18.74
CA ARG A 181 -13.62 -0.15 18.43
C ARG A 181 -13.86 -0.03 16.93
N SER A 182 -12.80 -0.22 16.13
CA SER A 182 -12.97 -0.13 14.68
C SER A 182 -13.93 -1.19 14.14
N ARG A 183 -13.74 -2.41 14.60
CA ARG A 183 -14.58 -3.56 14.27
C ARG A 183 -16.05 -3.27 14.52
N ASP A 184 -16.31 -2.79 15.75
CA ASP A 184 -17.69 -2.55 16.17
C ASP A 184 -18.32 -1.40 15.39
N ALA A 185 -17.57 -0.35 15.09
CA ALA A 185 -18.08 0.77 14.30
C ALA A 185 -18.43 0.29 12.90
N PHE A 186 -17.52 -0.49 12.29
CA PHE A 186 -17.74 -1.03 10.95
C PHE A 186 -18.99 -1.89 10.92
N ASP A 187 -19.11 -2.79 11.89
CA ASP A 187 -20.22 -3.74 11.96
C ASP A 187 -21.57 -3.05 12.19
N SER A 188 -21.57 -1.89 12.84
CA SER A 188 -22.76 -1.14 13.20
C SER A 188 -23.38 -0.41 12.03
N ARG A 189 -22.58 -0.41 10.95
CA ARG A 189 -23.03 0.28 9.77
C ARG A 189 -23.32 -0.74 8.69
N LYS A 190 -24.57 -1.16 8.55
CA LYS A 190 -24.91 -2.33 7.75
C LYS A 190 -24.42 -2.27 6.32
N GLU A 191 -24.65 -1.11 5.72
CA GLU A 191 -24.25 -0.96 4.33
C GLU A 191 -22.75 -1.18 4.20
N GLN A 192 -21.98 -0.68 5.16
CA GLN A 192 -20.54 -0.86 5.15
C GLN A 192 -20.14 -2.31 5.35
N ALA A 193 -20.74 -2.91 6.38
CA ALA A 193 -20.41 -4.29 6.71
C ALA A 193 -20.81 -5.26 5.59
N GLU A 194 -21.85 -4.91 4.81
CA GLU A 194 -22.27 -5.84 3.78
C GLU A 194 -21.48 -5.71 2.49
N ASN A 195 -20.85 -4.57 2.27
CA ASN A 195 -20.23 -4.29 0.98
C ASN A 195 -18.72 -4.10 0.99
N ALA A 196 -18.15 -3.81 2.15
CA ALA A 196 -16.74 -3.55 2.34
C ALA A 196 -16.11 -4.63 3.20
N ALA A 197 -14.80 -4.64 3.28
CA ALA A 197 -14.00 -5.53 4.13
C ALA A 197 -13.27 -4.64 5.14
N LEU A 198 -12.89 -5.21 6.27
CA LEU A 198 -12.15 -4.56 7.32
C LEU A 198 -10.84 -5.28 7.64
N PHE A 199 -9.73 -4.54 7.57
CA PHE A 199 -8.44 -5.16 7.93
C PHE A 199 -7.98 -4.63 9.28
N GLY A 200 -7.41 -5.51 10.10
CA GLY A 200 -6.83 -5.13 11.37
C GLY A 200 -5.35 -4.85 11.18
N ILE A 201 -4.70 -4.06 12.04
CA ILE A 201 -3.27 -3.83 11.90
C ILE A 201 -2.46 -4.27 13.12
N GLN A 202 -1.51 -5.14 12.86
CA GLN A 202 -0.58 -5.57 13.90
C GLN A 202 0.46 -4.49 14.16
N GLN A 203 0.80 -4.22 15.40
CA GLN A 203 1.79 -3.33 15.94
C GLN A 203 2.64 -4.11 16.91
N GLY A 204 3.47 -3.47 17.69
CA GLY A 204 4.45 -4.13 18.50
C GLY A 204 5.90 -3.82 18.21
N SER A 205 6.16 -2.86 17.34
CA SER A 205 7.52 -2.44 17.01
C SER A 205 8.31 -3.67 16.56
N VAL A 206 9.51 -3.90 17.11
CA VAL A 206 10.35 -4.98 16.64
C VAL A 206 10.39 -6.13 17.61
N PHE A 207 9.49 -6.10 18.59
CA PHE A 207 9.48 -7.07 19.68
C PHE A 207 8.53 -8.23 19.44
N GLU A 208 9.09 -9.43 19.37
CA GLU A 208 8.38 -10.65 19.04
C GLU A 208 7.20 -10.90 19.96
N ASN A 209 7.38 -10.79 21.28
CA ASN A 209 6.25 -11.06 22.17
C ASN A 209 5.11 -10.07 21.98
N LEU A 210 5.42 -8.81 21.72
CA LEU A 210 4.39 -7.79 21.49
C LEU A 210 3.67 -8.05 20.16
N ARG A 211 4.46 -8.44 19.15
CA ARG A 211 3.84 -8.84 17.88
C ARG A 211 2.88 -10.00 18.05
N GLN A 212 3.28 -10.94 18.90
CA GLN A 212 2.44 -12.10 19.17
C GLN A 212 1.18 -11.68 19.89
N GLN A 213 1.29 -10.89 20.94
CA GLN A 213 0.11 -10.44 21.66
C GLN A 213 -0.86 -9.68 20.74
N SER A 214 -0.25 -8.88 19.86
CA SER A 214 -1.06 -8.14 18.92
C SER A 214 -1.78 -9.05 17.94
N ALA A 215 -1.03 -10.00 17.39
CA ALA A 215 -1.62 -10.98 16.47
C ALA A 215 -2.81 -11.68 17.10
N ASP A 216 -2.64 -12.13 18.33
CA ASP A 216 -3.66 -12.83 19.08
C ASP A 216 -4.90 -11.95 19.28
N ALA A 217 -4.66 -10.69 19.65
CA ALA A 217 -5.77 -9.79 19.90
C ALA A 217 -6.58 -9.59 18.63
N LEU A 218 -5.85 -9.47 17.51
CA LEU A 218 -6.54 -9.15 16.26
C LEU A 218 -7.31 -10.37 15.80
N ALA A 219 -6.74 -11.54 16.01
CA ALA A 219 -7.40 -12.77 15.58
C ALA A 219 -8.66 -13.03 16.37
N GLU A 220 -8.63 -12.71 17.67
CA GLU A 220 -9.80 -12.93 18.51
C GLU A 220 -10.92 -11.98 18.13
N ILE A 221 -10.53 -10.77 17.72
CA ILE A 221 -11.56 -9.84 17.22
C ILE A 221 -12.09 -10.37 15.89
N GLY A 222 -11.18 -10.74 15.00
CA GLY A 222 -11.52 -11.28 13.70
C GLY A 222 -11.59 -10.20 12.64
N PHE A 223 -10.76 -10.28 11.61
CA PHE A 223 -10.79 -9.34 10.48
C PHE A 223 -10.77 -10.08 9.15
N ASP A 224 -11.02 -9.35 8.07
CA ASP A 224 -10.97 -9.93 6.72
C ASP A 224 -9.56 -10.06 6.21
N GLY A 225 -8.66 -9.28 6.79
CA GLY A 225 -7.27 -9.24 6.43
C GLY A 225 -6.44 -8.60 7.53
N TYR A 226 -5.15 -8.80 7.51
CA TYR A 226 -4.24 -8.36 8.57
C TYR A 226 -3.03 -7.66 7.98
N ALA A 227 -2.80 -6.44 8.42
CA ALA A 227 -1.60 -5.68 8.07
C ALA A 227 -0.51 -5.86 9.11
N VAL A 228 0.72 -5.82 8.62
CA VAL A 228 1.87 -5.66 9.49
C VAL A 228 2.20 -4.17 9.49
N GLY A 229 1.76 -3.51 10.55
CA GLY A 229 1.98 -2.10 10.79
C GLY A 229 3.31 -1.87 11.48
N GLY A 230 3.75 -0.61 11.54
CA GLY A 230 4.88 -0.25 12.39
C GLY A 230 6.22 -0.57 11.77
N LEU A 231 6.24 -0.94 10.48
CA LEU A 231 7.52 -1.15 9.81
C LEU A 231 7.71 -0.10 8.71
N ALA A 232 8.88 -0.17 8.08
CA ALA A 232 9.30 0.87 7.14
C ALA A 232 9.18 2.25 7.75
N VAL A 233 9.70 2.34 8.98
CA VAL A 233 9.66 3.59 9.72
C VAL A 233 11.06 3.96 10.23
N GLY A 234 12.10 3.50 9.54
CA GLY A 234 13.47 3.83 9.85
C GLY A 234 14.34 2.70 10.33
N GLU A 235 13.79 1.50 10.48
CA GLU A 235 14.58 0.38 11.02
C GLU A 235 15.52 -0.26 10.00
N GLY A 236 15.34 -0.03 8.71
CA GLY A 236 16.20 -0.63 7.71
C GLY A 236 15.72 -2.00 7.27
N GLN A 237 16.11 -2.42 6.07
CA GLN A 237 15.62 -3.67 5.51
C GLN A 237 15.97 -4.90 6.32
N ASP A 238 17.22 -5.05 6.74
CA ASP A 238 17.61 -6.19 7.55
C ASP A 238 16.65 -6.37 8.72
N GLU A 239 16.41 -5.28 9.46
CA GLU A 239 15.55 -5.36 10.65
C GLU A 239 14.08 -5.55 10.27
N MET A 240 13.66 -4.90 9.18
CA MET A 240 12.28 -5.15 8.74
C MET A 240 12.07 -6.61 8.39
N PHE A 241 13.00 -7.21 7.65
CA PHE A 241 12.91 -8.64 7.32
C PHE A 241 12.95 -9.53 8.55
N ARG A 242 13.85 -9.21 9.50
CA ARG A 242 13.88 -9.95 10.75
C ARG A 242 12.53 -9.96 11.46
N VAL A 243 11.89 -8.80 11.55
CA VAL A 243 10.58 -8.72 12.22
C VAL A 243 9.51 -9.47 11.43
N LEU A 244 9.52 -9.35 10.11
CA LEU A 244 8.59 -10.09 9.29
C LEU A 244 8.76 -11.60 9.45
N ASP A 245 10.00 -12.02 9.60
CA ASP A 245 10.28 -13.44 9.77
C ASP A 245 9.42 -14.09 10.85
N PHE A 246 9.32 -13.47 12.02
CA PHE A 246 8.47 -14.04 13.08
C PHE A 246 7.07 -13.47 13.08
N SER A 247 6.88 -12.30 12.46
CA SER A 247 5.57 -11.67 12.66
C SER A 247 4.51 -12.20 11.71
N VAL A 248 4.82 -12.36 10.43
CA VAL A 248 3.79 -12.81 9.49
C VAL A 248 3.27 -14.19 9.83
N PRO A 249 4.04 -15.18 10.26
CA PRO A 249 3.42 -16.45 10.65
C PRO A 249 2.46 -16.37 11.81
N MET A 250 2.47 -15.28 12.57
CA MET A 250 1.52 -15.16 13.67
C MET A 250 0.09 -14.81 13.22
N LEU A 251 0.00 -14.30 12.01
CA LEU A 251 -1.25 -13.82 11.45
C LEU A 251 -2.04 -15.00 10.89
N PRO A 252 -3.36 -14.96 10.84
CA PRO A 252 -4.08 -16.08 10.20
C PRO A 252 -3.59 -16.34 8.78
N ASP A 253 -3.30 -17.60 8.48
CA ASP A 253 -2.78 -17.98 7.17
C ASP A 253 -3.79 -17.78 6.06
N ASP A 254 -5.07 -17.91 6.41
CA ASP A 254 -6.10 -17.94 5.38
C ASP A 254 -6.65 -16.57 5.06
N LYS A 255 -6.00 -15.53 5.58
CA LYS A 255 -6.40 -14.16 5.21
C LYS A 255 -5.22 -13.40 4.63
N PRO A 256 -5.49 -12.37 3.84
CA PRO A 256 -4.40 -11.56 3.28
C PRO A 256 -3.56 -10.87 4.35
N HIS A 257 -2.30 -10.72 3.99
CA HIS A 257 -1.25 -10.12 4.78
C HIS A 257 -0.74 -8.88 4.03
N TYR A 258 -0.90 -7.74 4.66
CA TYR A 258 -0.62 -6.45 3.99
C TYR A 258 0.52 -5.75 4.71
N LEU A 259 1.56 -5.39 3.96
CA LEU A 259 2.64 -4.58 4.51
C LEU A 259 2.52 -3.16 3.99
N MET A 260 2.04 -2.24 4.84
CA MET A 260 1.80 -0.90 4.30
C MET A 260 3.08 -0.08 4.28
N GLY A 261 3.15 0.77 3.26
CA GLY A 261 4.24 1.70 3.06
C GLY A 261 5.51 1.05 2.53
N VAL A 262 5.40 -0.14 1.97
CA VAL A 262 6.58 -0.81 1.38
C VAL A 262 6.31 -1.13 -0.07
N GLY A 263 7.23 -0.88 -0.98
CA GLY A 263 8.52 -0.30 -0.77
C GLY A 263 9.32 -0.39 -2.06
N LYS A 264 10.64 -0.43 -1.90
CA LYS A 264 11.51 -0.60 -3.04
C LYS A 264 11.27 -1.99 -3.63
N PRO A 265 11.60 -2.22 -4.89
CA PRO A 265 11.40 -3.54 -5.47
C PRO A 265 11.98 -4.68 -4.65
N ASP A 266 13.20 -4.57 -4.11
N ASP A 266 13.18 -4.51 -4.11
CA ASP A 266 13.80 -5.64 -3.33
CA ASP A 266 13.79 -5.60 -3.36
C ASP A 266 13.08 -5.83 -2.00
C ASP A 266 13.12 -5.79 -2.00
N ASP A 267 12.54 -4.73 -1.47
CA ASP A 267 11.76 -4.83 -0.25
C ASP A 267 10.54 -5.76 -0.47
N ILE A 268 9.90 -5.53 -1.59
CA ILE A 268 8.68 -6.23 -1.99
C ILE A 268 9.03 -7.70 -2.20
N VAL A 269 10.10 -8.00 -2.94
CA VAL A 269 10.45 -9.37 -3.19
C VAL A 269 10.68 -10.09 -1.86
N GLY A 270 11.47 -9.49 -0.97
CA GLY A 270 11.80 -10.09 0.29
C GLY A 270 10.61 -10.27 1.18
N ALA A 271 9.69 -9.32 1.11
CA ALA A 271 8.44 -9.37 1.89
C ALA A 271 7.54 -10.50 1.43
N VAL A 272 7.48 -10.71 0.12
CA VAL A 272 6.68 -11.81 -0.42
C VAL A 272 7.27 -13.14 0.03
N GLU A 273 8.60 -13.25 0.00
CA GLU A 273 9.28 -14.44 0.51
C GLU A 273 8.91 -14.71 1.96
N ARG A 274 8.51 -13.70 2.71
CA ARG A 274 8.14 -13.87 4.11
C ARG A 274 6.65 -13.88 4.35
N GLY A 275 5.82 -13.92 3.29
CA GLY A 275 4.41 -14.12 3.51
C GLY A 275 3.49 -12.95 3.21
N ILE A 276 3.96 -11.83 2.69
CA ILE A 276 3.11 -10.67 2.43
C ILE A 276 2.45 -10.77 1.07
N ASP A 277 1.17 -10.37 1.06
CA ASP A 277 0.33 -10.45 -0.10
C ASP A 277 -0.04 -9.11 -0.72
N MET A 278 0.16 -8.02 0.00
CA MET A 278 -0.29 -6.71 -0.44
C MET A 278 0.70 -5.62 -0.01
N PHE A 279 0.83 -4.63 -0.87
CA PHE A 279 1.76 -3.54 -0.71
C PHE A 279 1.19 -2.23 -1.23
N ASP A 280 1.62 -1.15 -0.60
CA ASP A 280 1.40 0.18 -1.17
C ASP A 280 2.64 1.02 -0.89
N CYS A 281 2.88 1.97 -1.79
N CYS A 281 2.93 1.99 -1.75
CA CYS A 281 4.01 2.87 -1.59
CA CYS A 281 4.00 2.93 -1.43
C CYS A 281 3.95 4.06 -2.54
C CYS A 281 4.09 4.00 -2.51
N VAL A 282 4.45 5.21 -2.09
CA VAL A 282 4.49 6.35 -3.01
C VAL A 282 5.77 6.35 -3.83
N LEU A 283 6.72 5.47 -3.53
CA LEU A 283 8.02 5.51 -4.22
C LEU A 283 7.90 5.53 -5.74
N PRO A 284 7.16 4.67 -6.42
CA PRO A 284 7.09 4.77 -7.89
C PRO A 284 6.51 6.07 -8.43
N THR A 285 5.53 6.64 -7.77
CA THR A 285 4.92 7.89 -8.23
C THR A 285 5.76 9.11 -7.87
N ARG A 286 6.01 9.30 -6.57
CA ARG A 286 6.83 10.43 -6.11
C ARG A 286 8.21 10.41 -6.69
N SER A 287 8.91 9.27 -6.62
CA SER A 287 10.28 9.36 -7.16
C SER A 287 10.21 9.45 -8.67
N GLY A 288 9.16 8.92 -9.30
CA GLY A 288 9.08 9.10 -10.75
C GLY A 288 9.03 10.57 -11.11
N ARG A 289 8.22 11.32 -10.35
CA ARG A 289 8.18 12.75 -10.65
C ARG A 289 9.52 13.40 -10.37
N ASN A 290 10.30 12.81 -9.49
CA ASN A 290 11.63 13.27 -9.10
C ASN A 290 12.71 12.85 -10.08
N GLY A 291 12.34 12.12 -11.12
CA GLY A 291 13.30 11.71 -12.11
C GLY A 291 13.91 10.35 -11.92
N GLN A 292 13.47 9.59 -10.93
CA GLN A 292 13.97 8.24 -10.73
C GLN A 292 13.10 7.23 -11.50
N ALA A 293 13.71 6.49 -12.39
CA ALA A 293 13.05 5.44 -13.16
C ALA A 293 13.53 4.06 -12.69
N PHE A 294 12.62 3.15 -12.40
CA PHE A 294 12.99 1.77 -12.10
C PHE A 294 13.24 0.97 -13.37
N THR A 295 14.30 0.17 -13.37
CA THR A 295 14.71 -0.72 -14.43
C THR A 295 15.12 -2.07 -13.82
N TRP A 296 15.13 -3.11 -14.64
CA TRP A 296 15.52 -4.44 -14.15
C TRP A 296 16.98 -4.50 -13.76
N ASP A 297 17.77 -3.60 -14.31
CA ASP A 297 19.12 -3.34 -13.85
C ASP A 297 19.29 -2.28 -12.77
N GLY A 298 18.27 -1.94 -12.00
CA GLY A 298 18.31 -0.97 -10.93
C GLY A 298 17.77 0.37 -11.37
N PRO A 299 17.56 1.23 -10.40
CA PRO A 299 16.97 2.55 -10.70
C PRO A 299 17.99 3.42 -11.44
N ILE A 300 17.49 4.32 -12.28
CA ILE A 300 18.33 5.32 -12.92
C ILE A 300 17.78 6.71 -12.61
N ASN A 301 18.64 7.73 -12.58
CA ASN A 301 18.09 9.07 -12.46
C ASN A 301 18.14 9.72 -13.85
N ILE A 302 16.96 9.88 -14.45
CA ILE A 302 16.90 10.31 -15.84
C ILE A 302 17.40 11.73 -16.03
N ARG A 303 17.51 12.53 -14.98
CA ARG A 303 18.05 13.88 -15.13
C ARG A 303 19.53 13.87 -15.44
N ASN A 304 20.22 12.76 -15.19
CA ASN A 304 21.67 12.73 -15.36
C ASN A 304 22.04 13.00 -16.81
N ALA A 305 23.07 13.81 -17.03
CA ALA A 305 23.55 14.21 -18.35
C ALA A 305 23.81 13.04 -19.29
N ARG A 306 24.10 11.87 -18.75
CA ARG A 306 24.47 10.73 -19.58
CA ARG A 306 24.45 10.69 -19.51
C ARG A 306 23.27 10.25 -20.38
N PHE A 307 22.07 10.70 -20.03
CA PHE A 307 20.92 10.26 -20.82
C PHE A 307 20.48 11.28 -21.86
N SER A 308 21.19 12.41 -21.97
CA SER A 308 20.70 13.46 -22.83
C SER A 308 20.57 13.06 -24.29
N GLU A 309 21.33 12.07 -24.75
CA GLU A 309 21.26 11.62 -26.13
C GLU A 309 21.03 10.13 -26.24
N ASP A 310 20.45 9.55 -25.16
CA ASP A 310 20.27 8.10 -25.10
C ASP A 310 18.91 7.72 -25.70
N LEU A 311 18.97 7.06 -26.86
CA LEU A 311 17.71 6.82 -27.56
C LEU A 311 16.97 5.58 -27.08
N LYS A 312 17.57 4.83 -26.16
CA LYS A 312 16.91 3.66 -25.60
C LYS A 312 15.74 4.06 -24.70
N PRO A 313 14.77 3.17 -24.55
CA PRO A 313 13.69 3.40 -23.59
C PRO A 313 14.24 3.32 -22.16
N LEU A 314 13.39 3.76 -21.23
CA LEU A 314 13.78 3.76 -19.83
C LEU A 314 14.30 2.37 -19.43
N ASP A 315 13.58 1.34 -19.88
CA ASP A 315 14.02 -0.02 -19.56
C ASP A 315 13.87 -0.88 -20.80
N SER A 316 14.81 -1.77 -21.07
CA SER A 316 14.97 -2.52 -22.27
C SER A 316 13.90 -3.57 -22.53
N GLU A 317 13.28 -4.01 -21.46
CA GLU A 317 12.32 -5.09 -21.49
C GLU A 317 10.90 -4.63 -21.20
N CYS A 318 10.78 -3.48 -20.55
CA CYS A 318 9.48 -3.01 -20.09
C CYS A 318 8.46 -2.95 -21.21
N HIS A 319 7.25 -3.48 -20.98
CA HIS A 319 6.20 -3.47 -21.99
C HIS A 319 5.35 -2.22 -21.93
N CYS A 320 5.69 -1.24 -21.08
CA CYS A 320 4.75 -0.14 -20.96
C CYS A 320 4.74 0.76 -22.20
N ALA A 321 3.66 1.55 -22.28
CA ALA A 321 3.49 2.43 -23.43
C ALA A 321 4.60 3.48 -23.51
N VAL A 322 5.11 3.85 -22.34
CA VAL A 322 6.18 4.87 -22.34
C VAL A 322 7.41 4.29 -23.02
N CYS A 323 7.80 3.09 -22.65
CA CYS A 323 8.97 2.48 -23.26
C CYS A 323 8.74 2.04 -24.70
N GLN A 324 7.48 1.88 -25.08
CA GLN A 324 7.27 1.61 -26.50
C GLN A 324 7.48 2.84 -27.37
N LYS A 325 7.33 4.03 -26.82
CA LYS A 325 7.19 5.19 -27.66
C LYS A 325 8.24 6.27 -27.47
N TRP A 326 8.76 6.44 -26.25
CA TRP A 326 9.67 7.57 -26.03
C TRP A 326 11.04 7.14 -25.54
N SER A 327 12.02 7.99 -25.82
CA SER A 327 13.38 7.71 -25.42
C SER A 327 13.70 8.32 -24.06
N ARG A 328 14.72 7.73 -23.41
CA ARG A 328 15.38 8.35 -22.29
C ARG A 328 15.74 9.80 -22.54
N ALA A 329 16.26 10.09 -23.74
CA ALA A 329 16.71 11.44 -24.05
C ALA A 329 15.54 12.42 -23.98
N TYR A 330 14.38 12.00 -24.47
CA TYR A 330 13.24 12.91 -24.45
C TYR A 330 12.76 13.10 -23.01
N ILE A 331 12.71 11.98 -22.27
CA ILE A 331 12.16 12.08 -20.91
C ILE A 331 13.13 12.87 -20.03
N HIS A 332 14.41 12.71 -20.28
CA HIS A 332 15.44 13.54 -19.67
C HIS A 332 15.19 15.02 -19.88
N HIS A 333 14.94 15.37 -21.14
CA HIS A 333 14.61 16.76 -21.45
C HIS A 333 13.38 17.23 -20.69
N LEU A 334 12.30 16.44 -20.72
CA LEU A 334 11.05 16.84 -20.07
C LEU A 334 11.27 17.08 -18.58
N ILE A 335 11.98 16.13 -17.94
CA ILE A 335 12.19 16.29 -16.50
C ILE A 335 13.08 17.49 -16.19
N ARG A 336 14.16 17.64 -16.98
CA ARG A 336 15.01 18.80 -16.88
C ARG A 336 14.23 20.11 -16.99
N ALA A 337 13.31 20.09 -17.93
CA ALA A 337 12.52 21.30 -18.20
C ALA A 337 11.37 21.52 -17.24
N GLY A 338 11.13 20.60 -16.35
CA GLY A 338 10.02 20.62 -15.41
C GLY A 338 8.65 20.49 -16.09
N GLU A 339 8.59 19.83 -17.22
CA GLU A 339 7.36 19.61 -17.97
C GLU A 339 6.49 18.53 -17.36
N ILE A 340 5.21 18.86 -17.34
CA ILE A 340 4.19 17.95 -16.79
C ILE A 340 4.22 16.61 -17.49
N LEU A 341 4.40 16.56 -18.80
CA LEU A 341 4.46 15.29 -19.51
C LEU A 341 5.62 14.44 -19.00
N GLY A 342 6.66 15.09 -18.46
CA GLY A 342 7.74 14.27 -17.91
C GLY A 342 7.26 13.51 -16.68
N ALA A 343 6.52 14.16 -15.79
CA ALA A 343 5.95 13.50 -14.63
C ALA A 343 5.00 12.38 -15.05
N MET A 344 4.23 12.68 -16.09
CA MET A 344 3.23 11.73 -16.59
C MET A 344 3.92 10.46 -17.05
N LEU A 345 4.95 10.63 -17.86
CA LEU A 345 5.58 9.48 -18.49
C LEU A 345 6.40 8.70 -17.47
N MET A 346 7.10 9.41 -16.57
CA MET A 346 7.91 8.72 -15.58
C MET A 346 7.03 7.90 -14.64
N THR A 347 5.87 8.51 -14.32
CA THR A 347 4.96 7.85 -13.38
C THR A 347 4.34 6.61 -14.00
N GLU A 348 3.93 6.74 -15.27
CA GLU A 348 3.31 5.63 -15.95
C GLU A 348 4.29 4.46 -16.04
N HIS A 349 5.53 4.76 -16.43
CA HIS A 349 6.56 3.72 -16.49
C HIS A 349 6.74 3.06 -15.13
N ASN A 350 6.94 3.87 -14.09
CA ASN A 350 7.28 3.29 -12.79
C ASN A 350 6.12 2.46 -12.23
N ILE A 351 4.89 2.95 -12.38
CA ILE A 351 3.78 2.09 -11.94
C ILE A 351 3.70 0.84 -12.80
N ALA A 352 3.97 0.94 -14.10
CA ALA A 352 3.95 -0.26 -14.94
C ALA A 352 5.05 -1.24 -14.53
N PHE A 353 6.22 -0.68 -14.20
CA PHE A 353 7.32 -1.51 -13.78
C PHE A 353 6.92 -2.28 -12.51
N TYR A 354 6.33 -1.61 -11.53
CA TYR A 354 5.89 -2.25 -10.31
C TYR A 354 4.85 -3.30 -10.65
N GLN A 355 3.93 -3.02 -11.55
CA GLN A 355 2.93 -4.07 -11.84
C GLN A 355 3.55 -5.28 -12.52
N GLN A 356 4.52 -5.08 -13.40
CA GLN A 356 5.27 -6.16 -14.04
C GLN A 356 6.09 -6.96 -13.02
N LEU A 357 6.66 -6.32 -12.02
CA LEU A 357 7.32 -7.00 -10.92
C LEU A 357 6.32 -7.90 -10.20
N MET A 358 5.14 -7.35 -9.90
CA MET A 358 4.18 -8.18 -9.19
C MET A 358 3.74 -9.37 -10.05
N GLN A 359 3.55 -9.12 -11.34
CA GLN A 359 3.16 -10.20 -12.25
C GLN A 359 4.23 -11.29 -12.28
N LYS A 360 5.50 -10.93 -12.27
CA LYS A 360 6.58 -11.90 -12.33
C LYS A 360 6.66 -12.71 -11.02
N ILE A 361 6.34 -12.02 -9.92
CA ILE A 361 6.28 -12.70 -8.63
C ILE A 361 5.14 -13.71 -8.62
N ARG A 362 3.95 -13.29 -9.04
CA ARG A 362 2.79 -14.17 -9.06
C ARG A 362 3.06 -15.39 -9.93
N ASP A 363 3.59 -15.13 -11.13
CA ASP A 363 3.81 -16.23 -12.05
C ASP A 363 4.85 -17.20 -11.51
N SER A 364 5.90 -16.64 -10.90
CA SER A 364 6.99 -17.49 -10.47
C SER A 364 6.48 -18.30 -9.29
N ILE A 365 5.66 -17.74 -8.42
CA ILE A 365 5.13 -18.54 -7.31
C ILE A 365 4.24 -19.65 -7.85
N SER A 366 3.38 -19.31 -8.82
CA SER A 366 2.47 -20.27 -9.40
C SER A 366 3.20 -21.43 -10.05
N GLU A 367 4.41 -21.16 -10.51
CA GLU A 367 5.22 -22.15 -11.22
C GLU A 367 6.31 -22.75 -10.34
N GLY A 368 6.32 -22.42 -9.05
CA GLY A 368 7.23 -22.93 -8.05
C GLY A 368 8.68 -22.58 -8.34
N ARG A 369 8.89 -21.40 -8.93
CA ARG A 369 10.24 -20.96 -9.22
C ARG A 369 10.48 -19.56 -8.64
N PHE A 370 9.76 -19.25 -7.56
CA PHE A 370 9.91 -17.89 -7.03
C PHE A 370 11.28 -17.68 -6.40
N SER A 371 11.74 -18.73 -5.72
CA SER A 371 13.02 -18.62 -5.03
C SER A 371 14.11 -18.28 -6.04
N GLN A 372 14.09 -19.00 -7.15
CA GLN A 372 14.99 -18.71 -8.25
C GLN A 372 14.75 -17.31 -8.84
N PHE A 373 13.50 -16.91 -9.08
CA PHE A 373 13.24 -15.54 -9.53
C PHE A 373 13.84 -14.50 -8.59
N ALA A 374 13.66 -14.64 -7.29
CA ALA A 374 14.14 -13.66 -6.33
C ALA A 374 15.64 -13.50 -6.41
N GLN A 375 16.28 -14.68 -6.55
CA GLN A 375 17.73 -14.66 -6.67
C GLN A 375 18.23 -14.01 -7.96
N ASP A 376 17.62 -14.37 -9.08
CA ASP A 376 17.96 -13.77 -10.35
C ASP A 376 17.66 -12.27 -10.34
N PHE A 377 16.54 -11.93 -9.70
CA PHE A 377 16.15 -10.51 -9.75
C PHE A 377 17.23 -9.64 -9.10
N ARG A 378 17.58 -10.13 -7.92
CA ARG A 378 18.58 -9.49 -7.08
C ARG A 378 19.96 -9.42 -7.72
N ALA A 379 20.43 -10.46 -8.35
CA ALA A 379 21.75 -10.42 -8.98
C ALA A 379 21.78 -9.38 -10.09
N ARG A 380 20.68 -9.30 -10.84
CA ARG A 380 20.68 -8.31 -11.91
C ARG A 380 20.41 -6.89 -11.40
N TYR A 381 19.49 -6.72 -10.46
CA TYR A 381 19.08 -5.39 -10.03
C TYR A 381 20.20 -4.65 -9.32
N PHE A 382 20.97 -5.40 -8.56
CA PHE A 382 22.14 -4.90 -7.86
C PHE A 382 23.43 -5.08 -8.64
ZN ZN B . 8.30 1.28 -19.28
N1 HRD C . 4.11 3.89 5.96
N3 HRD C . 5.14 2.53 7.41
C4 HRD C . 5.27 3.30 6.31
C5 HRD C . 6.52 4.28 4.45
C6 HRD C . 3.85 2.64 7.78
C7 HRD C . 3.19 2.04 8.86
C8 HRD C . 1.82 2.37 9.00
C10 HRD C . -0.85 2.95 9.32
C1 HRD C . 1.17 3.23 8.10
C2 HRD C . 1.86 3.80 7.02
C3 HRD C . 3.21 3.48 6.89
N2 HRD C . 6.44 3.44 5.63
C9 HRD C . 1.06 1.87 10.04
O1 HRD C . 1.60 1.03 10.98
N4 HRD C . -0.25 2.15 10.21
N5 HRD C . -2.17 3.20 9.54
C11 HRD C . -2.86 4.10 8.63
N6 HRD C . -0.14 3.47 8.30
C1 GOL D . -10.93 0.91 -13.69
O1 GOL D . -11.83 -0.15 -14.08
C2 GOL D . -11.43 2.24 -14.29
O2 GOL D . -12.42 2.93 -13.53
C3 GOL D . -10.39 3.12 -14.99
O3 GOL D . -10.99 4.41 -15.29
C1 GOL E . 10.95 26.15 -21.36
O1 GOL E . 12.17 26.15 -20.58
C2 GOL E . 9.73 25.96 -20.41
O2 GOL E . 8.50 26.27 -21.11
C3 GOL E . 9.70 24.51 -19.86
O3 GOL E . 9.60 23.60 -20.98
#